data_5EA6
#
_entry.id   5EA6
#
_cell.length_a   170.160
_cell.length_b   170.160
_cell.length_c   170.160
_cell.angle_alpha   90.000
_cell.angle_beta   90.000
_cell.angle_gamma   90.000
#
_symmetry.space_group_name_H-M   'P 41 3 2'
#
loop_
_entity.id
_entity.type
_entity.pdbx_description
1 polymer 'Fusion glycoprotein F0'
2 non-polymer '2-[N-CYCLOHEXYLAMINO]ETHANE SULFONIC ACID'
3 non-polymer 'SULFATE ION'
4 non-polymer (9~{b}~{R})-9~{b}-(4-chlorophenyl)-1-pyridin-3-ylcarbonyl-2,3-dihydroimidazo[5,6]pyrrolo[1,2-~{a}]pyridin-5-one
5 water water
#
_entity_poly.entity_id   1
_entity_poly.type   'polypeptide(L)'
_entity_poly.pdbx_seq_one_letter_code
;MELLILKANAITTILTAVTFCFASGQNITEEFYQSTCSAVSKGYLSALRTGWYTSVITIELSNIKENKCNGTDAKVKLIK
QELDKYKNAVTELQLLMQSTPATNNRARRELPRFMNYTLNNAKKTNVTLSKKRKRRFLGFLLGVGSAIASGVAVCKVLHL
EGEVNKIKSALLSTNKAVVSLSNGVSVLTFKVLDLKNYIDKQLLPILNKQSCSISNIETVIEFQQKNNRLLEITREFSVN
AGVTTPVSTYMLTNSELLSLINDMPITNDQKKLMSNNVQIVRQQSYSIMCIIKEEVLAYVVQLPLYGVIDTPCWKLHTSP
LCTTNTKEGSNICLTRTDRGWYCDNAGSVSFFPQAETCKVQSNRVFCDTMNSLTLPSEVNLCNVDIFNPKYDCKIMTSKT
DVSSSVITSLGAIVSCYGKTKCTASNKNRGIIKTFSNGCDYVSNKGVDTVSVGNTLYYVNKQEGKSLYVKGEPIINFYDP
LVFPSDEFDASISQVNEKINQSLAFIRKSDELLSAIGGYIPEAPRDGQAYVRKDGEWVLLSTFLGGLVPRGSHHHHHHSA
WSHPQFEK
;
_entity_poly.pdbx_strand_id   F
#
loop_
_chem_comp.id
_chem_comp.type
_chem_comp.name
_chem_comp.formula
5NP non-polymer (9~{b}~{R})-9~{b}-(4-chlorophenyl)-1-pyridin-3-ylcarbonyl-2,3-dihydroimidazo[5,6]pyrrolo[1,2-~{a}]pyridin-5-one 'C21 H15 Cl N4 O2'
NHE non-polymer '2-[N-CYCLOHEXYLAMINO]ETHANE SULFONIC ACID' 'C8 H17 N O3 S'
SO4 non-polymer 'SULFATE ION' 'O4 S -2'
#
# COMPACT_ATOMS: atom_id res chain seq x y z
N ASN A 27 22.79 0.86 7.97
CA ASN A 27 21.39 0.48 7.97
C ASN A 27 20.69 0.69 6.60
N ILE A 28 20.32 1.92 6.23
CA ILE A 28 19.81 2.15 4.87
C ILE A 28 20.94 2.60 3.94
N THR A 29 21.13 1.90 2.83
CA THR A 29 22.22 2.25 1.91
C THR A 29 21.68 2.39 0.48
N GLU A 30 22.48 2.95 -0.41
CA GLU A 30 22.03 3.15 -1.76
C GLU A 30 23.17 3.06 -2.78
N GLU A 31 22.93 2.36 -3.88
CA GLU A 31 23.90 2.31 -4.95
C GLU A 31 23.29 2.89 -6.21
N PHE A 32 24.00 3.81 -6.83
CA PHE A 32 23.59 4.34 -8.12
C PHE A 32 24.44 3.71 -9.20
N TYR A 33 23.80 3.32 -10.29
CA TYR A 33 24.48 2.66 -11.38
C TYR A 33 24.51 3.58 -12.57
N GLN A 34 25.70 4.09 -12.84
CA GLN A 34 25.85 5.10 -13.89
C GLN A 34 25.58 4.51 -15.26
N SER A 35 25.79 3.21 -15.40
CA SER A 35 25.68 2.56 -16.71
C SER A 35 24.23 2.40 -17.16
N THR A 36 23.31 2.27 -16.21
CA THR A 36 21.91 2.02 -16.55
C THR A 36 20.97 3.06 -15.96
N CYS A 37 21.55 4.13 -15.41
CA CYS A 37 20.78 5.26 -14.88
C CYS A 37 19.74 4.79 -13.86
N SER A 38 20.18 3.98 -12.91
CA SER A 38 19.27 3.49 -11.90
C SER A 38 19.95 3.41 -10.54
N ALA A 39 19.14 3.37 -9.49
CA ALA A 39 19.66 3.30 -8.13
C ALA A 39 18.89 2.29 -7.32
N VAL A 40 19.55 1.66 -6.38
CA VAL A 40 18.92 0.64 -5.54
C VAL A 40 19.07 1.02 -4.08
N SER A 41 17.96 1.18 -3.38
CA SER A 41 18.00 1.47 -1.94
C SER A 41 17.79 0.19 -1.14
N LYS A 42 18.76 -0.23 -0.35
CA LYS A 42 18.56 -1.44 0.43
C LYS A 42 18.65 -1.18 1.94
N GLY A 43 18.31 -2.19 2.73
CA GLY A 43 18.34 -2.09 4.17
C GLY A 43 16.96 -2.19 4.80
N TYR A 44 15.93 -2.29 3.96
CA TYR A 44 14.58 -2.34 4.49
C TYR A 44 14.15 -3.74 4.93
N LEU A 45 13.18 -3.80 5.85
CA LEU A 45 12.59 -5.07 6.29
C LEU A 45 11.13 -5.15 5.89
N SER A 46 10.71 -6.31 5.44
CA SER A 46 9.36 -6.52 4.92
C SER A 46 8.28 -6.68 5.98
N ALA A 47 7.07 -6.39 5.54
CA ALA A 47 5.85 -6.76 6.24
C ALA A 47 4.81 -6.88 5.16
N LEU A 48 4.64 -8.08 4.63
CA LEU A 48 3.76 -8.27 3.48
C LEU A 48 2.41 -8.83 3.89
N ARG A 49 1.34 -8.20 3.42
CA ARG A 49 0.03 -8.79 3.63
C ARG A 49 -0.11 -10.01 2.73
N THR A 50 -0.21 -11.17 3.35
CA THR A 50 -0.28 -12.40 2.56
C THR A 50 -1.67 -13.00 2.61
N GLY A 51 -2.43 -12.65 3.63
CA GLY A 51 -3.79 -13.17 3.80
C GLY A 51 -4.66 -12.25 4.64
N TRP A 52 -5.90 -12.66 4.87
CA TRP A 52 -6.85 -11.87 5.66
C TRP A 52 -7.38 -12.61 6.89
N TYR A 53 -7.56 -11.89 7.98
CA TYR A 53 -8.30 -12.42 9.10
C TYR A 53 -9.68 -11.75 9.16
N THR A 54 -10.72 -12.50 9.43
CA THR A 54 -12.05 -11.91 9.44
C THR A 54 -12.72 -12.04 10.80
N SER A 55 -13.07 -10.90 11.38
CA SER A 55 -13.73 -10.88 12.67
C SER A 55 -15.12 -10.28 12.49
N VAL A 56 -16.05 -10.69 13.34
CA VAL A 56 -17.42 -10.20 13.26
C VAL A 56 -17.72 -9.26 14.41
N ILE A 57 -17.78 -7.97 14.12
CA ILE A 57 -18.11 -6.98 15.15
C ILE A 57 -19.62 -6.82 15.26
N THR A 58 -20.15 -6.86 16.47
CA THR A 58 -21.59 -6.75 16.67
C THR A 58 -22.01 -5.54 17.51
N ILE A 59 -23.23 -5.08 17.25
CA ILE A 59 -23.86 -4.04 18.04
C ILE A 59 -25.29 -4.45 18.32
N GLU A 60 -25.58 -4.69 19.59
CA GLU A 60 -26.91 -5.13 19.97
C GLU A 60 -27.82 -3.90 20.03
N LEU A 61 -28.97 -3.99 19.36
CA LEU A 61 -29.90 -2.88 19.25
C LEU A 61 -31.18 -3.12 20.01
N SER A 62 -31.95 -2.05 20.20
CA SER A 62 -33.24 -2.14 20.86
C SER A 62 -34.38 -1.93 19.87
N ASN A 63 -35.46 -2.65 20.09
CA ASN A 63 -36.67 -2.54 19.27
C ASN A 63 -37.73 -1.73 20.01
N ILE A 64 -37.50 -0.41 20.14
CA ILE A 64 -38.40 0.44 20.92
C ILE A 64 -39.11 1.50 20.07
N LYS A 65 -40.29 1.89 20.53
CA LYS A 65 -41.07 2.94 19.87
C LYS A 65 -41.36 4.08 20.84
N ALA A 74 -37.15 17.46 33.06
CA ALA A 74 -36.01 18.37 33.11
C ALA A 74 -34.89 17.94 32.16
N LYS A 75 -34.10 16.94 32.58
CA LYS A 75 -33.04 16.37 31.74
C LYS A 75 -33.64 15.38 30.76
N VAL A 76 -34.96 15.21 30.85
CA VAL A 76 -35.70 14.21 30.08
C VAL A 76 -35.65 14.48 28.57
N LYS A 77 -35.96 15.71 28.19
CA LYS A 77 -36.07 16.11 26.80
C LYS A 77 -34.73 16.02 26.04
N LEU A 78 -33.64 15.82 26.79
CA LEU A 78 -32.33 15.55 26.20
C LEU A 78 -32.37 14.18 25.53
N ILE A 79 -32.86 13.20 26.28
CA ILE A 79 -32.93 11.82 25.82
C ILE A 79 -34.00 11.67 24.73
N LYS A 80 -35.02 12.52 24.77
CA LYS A 80 -36.10 12.47 23.77
C LYS A 80 -35.53 12.53 22.36
N GLN A 81 -34.76 13.56 22.06
CA GLN A 81 -34.19 13.69 20.72
C GLN A 81 -33.06 12.70 20.50
N GLU A 82 -32.36 12.35 21.56
CA GLU A 82 -31.30 11.35 21.47
C GLU A 82 -31.88 9.98 21.13
N LEU A 83 -33.16 9.79 21.44
CA LEU A 83 -33.83 8.53 21.15
C LEU A 83 -34.45 8.55 19.75
N ASP A 84 -34.82 9.73 19.29
CA ASP A 84 -35.31 9.88 17.94
C ASP A 84 -34.14 9.67 16.97
N LYS A 85 -32.98 10.19 17.34
CA LYS A 85 -31.75 9.95 16.59
C LYS A 85 -31.46 8.47 16.45
N TYR A 86 -31.62 7.75 17.56
CA TYR A 86 -31.38 6.32 17.57
C TYR A 86 -32.30 5.60 16.59
N LYS A 87 -33.61 5.77 16.77
CA LYS A 87 -34.60 5.14 15.90
C LYS A 87 -34.31 5.36 14.42
N ASN A 88 -33.93 6.59 14.08
CA ASN A 88 -33.64 6.94 12.70
C ASN A 88 -32.42 6.23 12.18
N ALA A 89 -31.38 6.17 13.01
CA ALA A 89 -30.14 5.49 12.64
C ALA A 89 -30.44 4.06 12.22
N VAL A 90 -31.25 3.39 13.02
CA VAL A 90 -31.70 2.04 12.69
C VAL A 90 -32.55 2.04 11.43
N THR A 91 -33.50 2.96 11.34
CA THR A 91 -34.29 3.11 10.12
C THR A 91 -33.37 3.27 8.93
N GLU A 92 -32.41 4.17 9.07
CA GLU A 92 -31.44 4.47 8.03
C GLU A 92 -30.57 3.27 7.67
N LEU A 93 -30.21 2.46 8.66
CA LEU A 93 -29.40 1.28 8.42
C LEU A 93 -30.18 0.20 7.69
N GLN A 94 -31.48 0.12 7.94
CA GLN A 94 -32.30 -0.93 7.35
C GLN A 94 -32.64 -0.61 5.90
N LEU A 95 -32.88 0.66 5.61
CA LEU A 95 -33.05 1.10 4.22
C LEU A 95 -31.76 0.81 3.48
N LEU A 96 -30.64 1.00 4.19
CA LEU A 96 -29.31 0.78 3.64
C LEU A 96 -29.10 -0.67 3.24
N MET A 97 -29.56 -1.58 4.09
CA MET A 97 -29.29 -3.01 3.94
C MET A 97 -30.24 -3.68 2.93
N GLN A 98 -31.15 -2.91 2.36
CA GLN A 98 -31.96 -3.43 1.26
C GLN A 98 -31.07 -3.57 0.02
N PHE A 137 5.86 1.29 -14.18
CA PHE A 137 5.63 0.97 -15.59
C PHE A 137 4.94 -0.38 -15.77
N LEU A 138 5.28 -1.36 -14.95
CA LEU A 138 4.90 -2.75 -15.24
C LEU A 138 3.65 -3.25 -14.51
N GLY A 139 2.89 -2.31 -13.94
CA GLY A 139 1.68 -2.63 -13.23
C GLY A 139 0.62 -3.36 -14.04
N PHE A 140 0.67 -3.22 -15.36
CA PHE A 140 -0.32 -3.90 -16.20
C PHE A 140 -0.12 -5.42 -16.23
N LEU A 141 1.03 -5.90 -15.76
CA LEU A 141 1.29 -7.33 -15.73
C LEU A 141 0.60 -8.02 -14.56
N LEU A 142 0.08 -7.24 -13.61
CA LEU A 142 -0.58 -7.79 -12.43
C LEU A 142 -1.88 -8.50 -12.79
N GLY A 143 -2.22 -9.51 -12.00
CA GLY A 143 -3.52 -10.14 -12.07
C GLY A 143 -4.56 -9.27 -11.39
N VAL A 144 -5.75 -9.82 -11.18
CA VAL A 144 -6.85 -9.06 -10.61
C VAL A 144 -7.52 -9.87 -9.52
N GLY A 145 -7.52 -9.35 -8.31
CA GLY A 145 -8.13 -10.03 -7.21
C GLY A 145 -9.48 -9.42 -6.84
N SER A 146 -10.07 -9.92 -5.76
CA SER A 146 -11.31 -9.39 -5.23
C SER A 146 -11.07 -9.15 -3.74
N ALA A 147 -10.75 -7.91 -3.39
CA ALA A 147 -10.18 -7.58 -2.10
C ALA A 147 -11.01 -8.06 -0.89
N ILE A 148 -12.32 -8.01 -1.01
CA ILE A 148 -13.15 -8.34 0.15
C ILE A 148 -13.95 -9.62 -0.06
N ALA A 149 -13.44 -10.49 -0.94
CA ALA A 149 -14.10 -11.74 -1.25
C ALA A 149 -14.24 -12.64 -0.01
N SER A 150 -13.19 -12.69 0.81
CA SER A 150 -13.23 -13.48 2.05
C SER A 150 -14.19 -12.89 3.08
N GLY A 151 -14.15 -11.58 3.26
CA GLY A 151 -15.06 -10.92 4.16
C GLY A 151 -16.52 -11.08 3.75
N VAL A 152 -16.82 -10.86 2.48
CA VAL A 152 -18.18 -11.00 1.99
C VAL A 152 -18.65 -12.45 2.09
N ALA A 153 -17.73 -13.39 1.99
CA ALA A 153 -18.10 -14.80 2.13
C ALA A 153 -18.66 -15.05 3.55
N VAL A 154 -18.10 -14.34 4.52
CA VAL A 154 -18.54 -14.51 5.91
C VAL A 154 -19.91 -13.85 6.09
N CYS A 155 -20.09 -12.72 5.44
CA CYS A 155 -21.39 -12.04 5.44
C CYS A 155 -22.53 -12.92 4.94
N LYS A 156 -22.30 -13.66 3.86
CA LYS A 156 -23.35 -14.50 3.30
C LYS A 156 -23.74 -15.61 4.27
N VAL A 157 -22.81 -16.00 5.14
CA VAL A 157 -23.10 -17.01 6.16
C VAL A 157 -24.03 -16.44 7.24
N LEU A 158 -23.79 -15.19 7.62
CA LEU A 158 -24.56 -14.55 8.69
C LEU A 158 -26.02 -14.28 8.34
N HIS A 159 -26.43 -14.67 7.13
CA HIS A 159 -27.82 -14.51 6.72
C HIS A 159 -28.59 -15.82 6.82
N LEU A 160 -27.85 -16.92 6.98
CA LEU A 160 -28.46 -18.21 7.25
C LEU A 160 -29.23 -18.14 8.56
N GLU A 161 -30.30 -18.93 8.66
CA GLU A 161 -31.14 -18.81 9.84
C GLU A 161 -30.48 -19.45 11.05
N GLY A 162 -30.58 -18.77 12.20
CA GLY A 162 -30.01 -19.25 13.44
C GLY A 162 -28.58 -18.79 13.61
N GLU A 163 -27.97 -18.38 12.50
CA GLU A 163 -26.57 -18.02 12.48
C GLU A 163 -26.31 -16.72 13.25
N VAL A 164 -27.25 -15.78 13.17
CA VAL A 164 -27.15 -14.56 13.96
C VAL A 164 -27.42 -14.88 15.42
N ASN A 165 -28.43 -15.71 15.67
CA ASN A 165 -28.81 -16.08 17.02
C ASN A 165 -27.71 -16.86 17.75
N LYS A 166 -26.93 -17.63 16.99
CA LYS A 166 -25.78 -18.35 17.53
C LYS A 166 -24.74 -17.39 18.11
N ILE A 167 -24.58 -16.24 17.45
CA ILE A 167 -23.64 -15.21 17.88
C ILE A 167 -24.15 -14.43 19.10
N LYS A 168 -25.36 -13.91 18.97
CA LYS A 168 -26.05 -13.20 20.05
C LYS A 168 -25.97 -14.00 21.33
N SER A 169 -26.08 -15.32 21.18
CA SER A 169 -25.98 -16.27 22.28
C SER A 169 -24.60 -16.31 22.92
N ALA A 170 -23.55 -16.48 22.11
CA ALA A 170 -22.19 -16.56 22.61
C ALA A 170 -21.73 -15.30 23.33
N LEU A 171 -22.17 -14.14 22.85
CA LEU A 171 -21.76 -12.86 23.43
C LEU A 171 -22.68 -12.40 24.56
N LEU A 172 -23.30 -13.36 25.22
CA LEU A 172 -24.27 -13.06 26.27
C LEU A 172 -23.61 -12.64 27.57
N SER A 173 -22.54 -13.34 27.94
CA SER A 173 -21.86 -13.10 29.22
C SER A 173 -20.48 -12.43 29.06
N THR A 174 -20.12 -12.09 27.83
CA THR A 174 -18.83 -11.44 27.58
C THR A 174 -18.85 -10.69 26.25
N ASN A 175 -17.94 -9.72 26.13
CA ASN A 175 -17.84 -8.93 24.91
C ASN A 175 -17.07 -9.66 23.82
N LYS A 176 -16.12 -10.49 24.22
CA LYS A 176 -15.24 -11.15 23.28
C LYS A 176 -15.40 -12.65 23.34
N ALA A 177 -15.65 -13.26 22.18
CA ALA A 177 -15.83 -14.70 22.10
C ALA A 177 -15.52 -15.21 20.70
N VAL A 178 -14.99 -16.43 20.62
CA VAL A 178 -14.75 -17.08 19.34
C VAL A 178 -15.89 -18.04 19.03
N VAL A 179 -16.47 -17.91 17.84
CA VAL A 179 -17.62 -18.72 17.45
C VAL A 179 -17.31 -19.56 16.22
N SER A 180 -17.78 -20.80 16.24
CA SER A 180 -17.67 -21.66 15.06
C SER A 180 -18.92 -21.50 14.19
N LEU A 181 -18.75 -20.95 13.00
CA LEU A 181 -19.85 -20.79 12.07
C LEU A 181 -20.15 -22.12 11.38
N SER A 182 -21.37 -22.24 10.86
CA SER A 182 -21.87 -23.52 10.35
C SER A 182 -21.03 -24.06 9.17
N ASN A 183 -20.47 -23.16 8.36
CA ASN A 183 -19.65 -23.59 7.23
C ASN A 183 -18.20 -23.87 7.64
N GLY A 184 -17.94 -23.89 8.94
CA GLY A 184 -16.66 -24.31 9.46
C GLY A 184 -15.58 -23.23 9.54
N VAL A 185 -16.01 -21.99 9.74
CA VAL A 185 -15.06 -20.90 9.94
C VAL A 185 -15.07 -20.45 11.40
N SER A 186 -13.90 -20.49 12.02
CA SER A 186 -13.74 -20.07 13.41
C SER A 186 -13.38 -18.59 13.46
N VAL A 187 -14.32 -17.76 13.92
CA VAL A 187 -14.14 -16.31 13.90
C VAL A 187 -14.23 -15.65 15.26
N LEU A 188 -13.37 -14.66 15.45
CA LEU A 188 -13.36 -13.83 16.64
C LEU A 188 -14.51 -12.83 16.61
N THR A 189 -15.56 -13.09 17.38
CA THR A 189 -16.70 -12.17 17.45
C THR A 189 -16.51 -11.20 18.61
N PHE A 190 -17.16 -10.05 18.54
CA PHE A 190 -16.80 -8.94 19.41
C PHE A 190 -17.94 -7.93 19.51
N LYS A 191 -18.57 -7.87 20.68
CA LYS A 191 -19.69 -6.95 20.91
C LYS A 191 -19.16 -5.64 21.46
N VAL A 192 -18.99 -4.64 20.59
CA VAL A 192 -18.34 -3.39 20.97
C VAL A 192 -19.30 -2.35 21.52
N LEU A 193 -20.60 -2.55 21.32
CA LEU A 193 -21.59 -1.62 21.85
C LEU A 193 -22.88 -2.38 22.18
N ASP A 194 -23.34 -2.23 23.42
CA ASP A 194 -24.51 -2.94 23.88
C ASP A 194 -25.63 -1.96 24.17
N LEU A 195 -26.16 -1.37 23.11
CA LEU A 195 -27.22 -0.38 23.24
C LEU A 195 -28.51 -0.98 23.78
N LYS A 196 -28.84 -2.18 23.32
CA LYS A 196 -30.04 -2.89 23.78
C LYS A 196 -30.09 -2.92 25.30
N ASN A 197 -29.11 -3.58 25.90
CA ASN A 197 -28.99 -3.66 27.35
C ASN A 197 -29.03 -2.27 27.99
N TYR A 198 -28.43 -1.30 27.34
CA TYR A 198 -28.41 0.06 27.87
C TYR A 198 -29.78 0.71 27.78
N ILE A 199 -30.39 0.65 26.61
CA ILE A 199 -31.67 1.31 26.40
C ILE A 199 -32.79 0.65 27.21
N ASP A 200 -32.92 -0.67 27.07
CA ASP A 200 -34.00 -1.39 27.72
C ASP A 200 -33.85 -1.47 29.24
N LYS A 201 -32.81 -0.81 29.76
CA LYS A 201 -32.65 -0.66 31.21
C LYS A 201 -32.90 0.78 31.64
N GLN A 202 -31.93 1.65 31.35
CA GLN A 202 -32.01 3.05 31.76
C GLN A 202 -33.21 3.77 31.16
N LEU A 203 -33.38 3.66 29.85
CA LEU A 203 -34.38 4.46 29.17
C LEU A 203 -35.73 3.75 29.09
N LEU A 204 -36.18 3.21 30.23
CA LEU A 204 -37.49 2.54 30.33
C LEU A 204 -38.04 2.67 31.75
N ILE A 217 -28.64 12.39 35.74
CA ILE A 217 -27.39 11.73 36.11
C ILE A 217 -26.56 11.53 34.83
N GLU A 218 -25.39 10.91 34.96
CA GLU A 218 -24.46 10.72 33.83
C GLU A 218 -24.99 9.83 32.72
N THR A 219 -26.11 9.17 32.94
CA THR A 219 -26.61 8.23 31.95
C THR A 219 -27.11 8.92 30.68
N VAL A 220 -27.35 10.22 30.75
CA VAL A 220 -27.64 11.01 29.54
C VAL A 220 -26.35 11.16 28.72
N ILE A 221 -25.25 11.40 29.42
CA ILE A 221 -23.96 11.60 28.80
C ILE A 221 -23.47 10.35 28.09
N GLU A 222 -23.54 9.22 28.78
CA GLU A 222 -23.02 7.97 28.20
C GLU A 222 -23.85 7.51 27.01
N PHE A 223 -25.16 7.77 27.04
CA PHE A 223 -26.03 7.44 25.93
C PHE A 223 -25.62 8.23 24.68
N GLN A 224 -25.43 9.53 24.85
CA GLN A 224 -24.98 10.38 23.76
C GLN A 224 -23.65 9.91 23.19
N GLN A 225 -22.73 9.49 24.06
CA GLN A 225 -21.41 9.08 23.60
C GLN A 225 -21.44 7.75 22.86
N LYS A 226 -22.41 6.89 23.21
CA LYS A 226 -22.54 5.62 22.52
C LYS A 226 -23.44 5.78 21.30
N ASN A 227 -24.48 6.59 21.42
CA ASN A 227 -25.34 6.90 20.28
C ASN A 227 -24.56 7.57 19.17
N ASN A 228 -23.76 8.57 19.54
CA ASN A 228 -22.94 9.27 18.56
C ASN A 228 -22.05 8.31 17.79
N ARG A 229 -21.57 7.27 18.47
CA ARG A 229 -20.76 6.28 17.80
C ARG A 229 -21.60 5.51 16.78
N LEU A 230 -22.85 5.26 17.14
CA LEU A 230 -23.77 4.54 16.25
C LEU A 230 -24.07 5.37 15.02
N LEU A 231 -24.28 6.68 15.22
CA LEU A 231 -24.59 7.58 14.12
C LEU A 231 -23.43 7.68 13.13
N GLU A 232 -22.21 7.59 13.63
CA GLU A 232 -21.01 7.74 12.80
C GLU A 232 -20.75 6.49 11.96
N ILE A 233 -20.86 5.32 12.58
CA ILE A 233 -20.82 4.08 11.83
C ILE A 233 -21.87 4.11 10.73
N THR A 234 -23.06 4.60 11.07
CA THR A 234 -24.13 4.74 10.11
C THR A 234 -23.73 5.66 8.97
N ARG A 235 -23.20 6.84 9.31
CA ARG A 235 -22.69 7.80 8.34
C ARG A 235 -21.70 7.16 7.35
N GLU A 236 -20.75 6.41 7.90
CA GLU A 236 -19.68 5.83 7.09
C GLU A 236 -20.17 4.78 6.11
N PHE A 237 -21.05 3.90 6.58
CA PHE A 237 -21.55 2.84 5.73
C PHE A 237 -22.44 3.41 4.63
N SER A 238 -23.12 4.51 4.91
CA SER A 238 -24.08 5.03 3.95
C SER A 238 -23.50 6.04 2.96
N VAL A 239 -22.19 6.26 3.00
CA VAL A 239 -21.53 7.01 1.92
C VAL A 239 -20.48 6.16 1.22
N ASN A 240 -20.31 4.93 1.71
CA ASN A 240 -19.33 4.01 1.16
C ASN A 240 -19.97 2.71 0.74
N ALA A 241 -21.29 2.69 0.75
CA ALA A 241 -22.05 1.53 0.29
C ALA A 241 -21.69 0.28 1.09
N GLY A 242 -21.40 0.47 2.37
CA GLY A 242 -21.23 -0.65 3.27
C GLY A 242 -19.83 -1.23 3.32
N VAL A 243 -18.92 -0.62 2.56
CA VAL A 243 -17.53 -1.07 2.56
C VAL A 243 -16.57 0.10 2.79
N THR A 244 -15.88 0.10 3.91
CA THR A 244 -15.02 1.23 4.25
C THR A 244 -13.58 0.80 4.49
N THR A 245 -12.66 1.70 4.15
CA THR A 245 -11.23 1.54 4.41
C THR A 245 -10.53 2.87 4.20
N PRO A 246 -9.60 3.24 5.09
CA PRO A 246 -9.20 2.52 6.30
C PRO A 246 -10.32 2.39 7.32
N VAL A 247 -10.24 1.38 8.15
CA VAL A 247 -11.24 1.15 9.17
C VAL A 247 -11.10 2.23 10.22
N SER A 248 -12.16 3.03 10.35
CA SER A 248 -12.14 4.21 11.22
C SER A 248 -12.07 3.84 12.68
N THR A 249 -11.84 4.85 13.49
CA THR A 249 -11.74 4.63 14.92
C THR A 249 -13.12 4.46 15.54
N TYR A 250 -14.17 4.74 14.76
CA TYR A 250 -15.54 4.49 15.22
C TYR A 250 -15.96 3.05 14.96
N MET A 251 -15.43 2.47 13.88
CA MET A 251 -15.74 1.08 13.57
C MET A 251 -15.11 0.16 14.59
N LEU A 252 -13.94 0.58 15.07
CA LEU A 252 -13.11 -0.25 15.92
C LEU A 252 -12.11 0.66 16.63
N THR A 253 -12.31 0.90 17.93
CA THR A 253 -11.41 1.79 18.66
C THR A 253 -10.02 1.18 18.80
N ASN A 254 -9.06 2.01 19.17
CA ASN A 254 -7.71 1.53 19.45
C ASN A 254 -7.70 0.41 20.47
N SER A 255 -8.31 0.67 21.61
CA SER A 255 -8.36 -0.31 22.68
C SER A 255 -9.00 -1.62 22.19
N GLU A 256 -9.96 -1.50 21.28
CA GLU A 256 -10.64 -2.66 20.74
C GLU A 256 -9.77 -3.39 19.73
N LEU A 257 -9.18 -2.62 18.81
CA LEU A 257 -8.25 -3.15 17.81
C LEU A 257 -7.06 -3.85 18.45
N LEU A 258 -6.53 -3.24 19.52
CA LEU A 258 -5.36 -3.79 20.19
C LEU A 258 -5.63 -5.14 20.81
N SER A 259 -6.82 -5.30 21.40
CA SER A 259 -7.12 -6.55 22.10
C SER A 259 -7.57 -7.59 21.10
N LEU A 260 -8.16 -7.11 20.02
CA LEU A 260 -8.54 -7.97 18.91
C LEU A 260 -7.28 -8.59 18.34
N ILE A 261 -6.25 -7.76 18.17
CA ILE A 261 -4.94 -8.24 17.74
C ILE A 261 -4.39 -9.27 18.72
N ASN A 262 -4.54 -9.00 20.01
CA ASN A 262 -4.00 -9.88 21.03
C ASN A 262 -4.75 -11.22 21.11
N ASP A 263 -6.06 -11.18 20.92
CA ASP A 263 -6.86 -12.40 20.99
C ASP A 263 -6.81 -13.18 19.67
N MET A 264 -6.28 -12.54 18.63
CA MET A 264 -6.06 -13.17 17.34
C MET A 264 -5.17 -14.42 17.46
N PRO A 265 -5.26 -15.34 16.48
CA PRO A 265 -4.38 -16.51 16.41
C PRO A 265 -3.18 -16.30 15.47
N ILE A 266 -2.17 -15.57 15.93
CA ILE A 266 -0.94 -15.33 15.17
C ILE A 266 0.28 -15.39 16.06
N THR A 267 1.47 -15.32 15.45
CA THR A 267 2.71 -15.36 16.21
C THR A 267 2.96 -14.09 17.01
N ASN A 268 3.79 -14.19 18.05
CA ASN A 268 4.15 -13.05 18.87
C ASN A 268 4.82 -11.93 18.07
N ASP A 269 5.55 -12.31 17.02
CA ASP A 269 6.14 -11.34 16.10
C ASP A 269 5.05 -10.52 15.42
N GLN A 270 4.05 -11.22 14.87
CA GLN A 270 2.93 -10.58 14.20
C GLN A 270 2.12 -9.69 15.11
N LYS A 271 1.95 -10.13 16.36
CA LYS A 271 1.20 -9.35 17.34
C LYS A 271 1.92 -8.04 17.64
N LYS A 272 3.23 -8.09 17.81
CA LYS A 272 3.99 -6.89 18.14
C LYS A 272 4.06 -5.93 16.95
N LEU A 273 4.28 -6.47 15.76
CA LEU A 273 4.34 -5.66 14.55
C LEU A 273 3.01 -4.94 14.29
N MET A 274 1.90 -5.59 14.59
CA MET A 274 0.60 -4.96 14.39
C MET A 274 0.29 -3.94 15.48
N SER A 275 0.58 -4.31 16.73
CA SER A 275 0.39 -3.41 17.86
C SER A 275 1.20 -2.12 17.74
N ASN A 276 2.38 -2.21 17.14
CA ASN A 276 3.27 -1.06 17.02
C ASN A 276 3.10 -0.27 15.75
N ASN A 277 2.10 -0.64 14.96
CA ASN A 277 1.86 0.00 13.67
C ASN A 277 0.39 0.00 13.35
N VAL A 278 -0.45 0.31 14.35
CA VAL A 278 -1.90 0.16 14.19
C VAL A 278 -2.49 1.10 13.15
N GLN A 279 -1.83 2.21 12.86
CA GLN A 279 -2.33 3.12 11.83
C GLN A 279 -2.17 2.48 10.45
N ILE A 280 -1.11 1.68 10.28
CA ILE A 280 -0.91 0.98 9.02
C ILE A 280 -1.90 -0.17 8.88
N VAL A 281 -2.11 -0.89 9.97
CA VAL A 281 -3.09 -1.96 10.01
C VAL A 281 -4.46 -1.42 9.62
N ARG A 282 -4.86 -0.32 10.24
CA ARG A 282 -6.09 0.36 9.89
C ARG A 282 -6.21 0.63 8.39
N GLN A 283 -5.12 1.08 7.78
CA GLN A 283 -5.13 1.44 6.36
C GLN A 283 -5.22 0.24 5.44
N GLN A 284 -4.80 -0.93 5.93
CA GLN A 284 -4.86 -2.13 5.13
C GLN A 284 -6.05 -3.00 5.50
N SER A 285 -6.99 -2.45 6.27
CA SER A 285 -8.16 -3.22 6.69
C SER A 285 -9.41 -2.80 5.94
N TYR A 286 -10.44 -3.64 6.00
CA TYR A 286 -11.73 -3.30 5.44
C TYR A 286 -12.83 -3.45 6.47
N SER A 287 -13.85 -2.59 6.40
CA SER A 287 -15.02 -2.76 7.24
C SER A 287 -16.24 -3.01 6.37
N ILE A 288 -16.81 -4.20 6.49
CA ILE A 288 -17.91 -4.60 5.62
C ILE A 288 -19.23 -4.79 6.34
N MET A 289 -20.23 -3.96 6.04
CA MET A 289 -21.52 -4.14 6.70
C MET A 289 -22.21 -5.42 6.23
N CYS A 290 -22.66 -6.23 7.20
CA CYS A 290 -23.24 -7.54 6.88
C CYS A 290 -24.76 -7.59 7.02
N ILE A 291 -25.29 -7.20 8.16
CA ILE A 291 -26.69 -7.48 8.43
C ILE A 291 -27.30 -6.70 9.60
N ILE A 292 -28.58 -6.35 9.46
CA ILE A 292 -29.41 -6.04 10.62
C ILE A 292 -30.53 -7.07 10.73
N LYS A 293 -30.52 -7.82 11.82
CA LYS A 293 -31.56 -8.82 12.07
C LYS A 293 -31.55 -9.21 13.54
N GLU A 294 -32.73 -9.47 14.09
CA GLU A 294 -32.88 -9.93 15.47
C GLU A 294 -32.16 -9.00 16.46
N GLU A 295 -32.41 -7.71 16.32
CA GLU A 295 -31.84 -6.69 17.20
C GLU A 295 -30.32 -6.64 17.19
N VAL A 296 -29.70 -7.08 16.10
CA VAL A 296 -28.24 -7.04 16.00
C VAL A 296 -27.77 -6.39 14.71
N LEU A 297 -26.85 -5.45 14.83
CA LEU A 297 -26.12 -4.94 13.67
C LEU A 297 -24.77 -5.64 13.59
N ALA A 298 -24.45 -6.22 12.44
CA ALA A 298 -23.20 -6.94 12.31
C ALA A 298 -22.39 -6.48 11.12
N TYR A 299 -21.12 -6.14 11.36
CA TYR A 299 -20.20 -5.92 10.26
C TYR A 299 -18.93 -6.73 10.46
N VAL A 300 -18.36 -7.19 9.35
CA VAL A 300 -17.09 -7.88 9.38
C VAL A 300 -15.96 -6.88 9.33
N VAL A 301 -14.99 -7.03 10.22
CA VAL A 301 -13.73 -6.32 10.02
C VAL A 301 -12.73 -7.30 9.43
N GLN A 302 -12.14 -6.89 8.32
CA GLN A 302 -11.22 -7.72 7.56
C GLN A 302 -9.79 -7.24 7.79
N LEU A 303 -9.05 -7.99 8.57
CA LEU A 303 -7.72 -7.55 9.00
C LEU A 303 -6.59 -8.25 8.25
N PRO A 304 -5.48 -7.55 8.04
CA PRO A 304 -4.33 -8.09 7.31
C PRO A 304 -3.54 -9.13 8.10
N LEU A 305 -3.15 -10.21 7.44
CA LEU A 305 -2.21 -11.20 7.97
C LEU A 305 -0.85 -11.03 7.32
N TYR A 306 0.18 -10.74 8.12
CA TYR A 306 1.52 -10.54 7.58
C TYR A 306 2.33 -11.82 7.67
N GLY A 307 2.29 -12.61 6.62
CA GLY A 307 2.91 -13.93 6.63
C GLY A 307 4.38 -13.90 6.27
N VAL A 308 4.83 -12.76 5.78
CA VAL A 308 6.24 -12.55 5.52
C VAL A 308 6.69 -11.33 6.29
N ILE A 309 7.65 -11.55 7.16
CA ILE A 309 8.08 -10.50 8.07
C ILE A 309 9.59 -10.56 8.21
N ASP A 310 10.23 -9.42 8.02
CA ASP A 310 11.67 -9.24 8.32
C ASP A 310 12.58 -9.89 7.29
N THR A 311 12.09 -10.02 6.06
CA THR A 311 12.93 -10.39 4.95
C THR A 311 13.48 -9.09 4.36
N PRO A 312 14.63 -9.16 3.68
CA PRO A 312 15.24 -7.98 3.05
C PRO A 312 14.41 -7.41 1.89
N CYS A 313 14.33 -6.09 1.85
CA CYS A 313 13.62 -5.40 0.79
C CYS A 313 14.49 -4.31 0.21
N TRP A 314 14.27 -4.02 -1.06
CA TRP A 314 15.01 -2.94 -1.70
C TRP A 314 14.17 -2.29 -2.77
N LYS A 315 14.35 -0.98 -2.92
CA LYS A 315 13.59 -0.23 -3.91
C LYS A 315 14.47 0.11 -5.12
N LEU A 316 13.94 -0.11 -6.32
CA LEU A 316 14.64 0.23 -7.55
C LEU A 316 14.08 1.50 -8.21
N HIS A 317 14.94 2.52 -8.31
CA HIS A 317 14.60 3.75 -9.00
C HIS A 317 15.31 3.81 -10.35
N THR A 318 14.56 4.10 -11.41
CA THR A 318 15.16 4.20 -12.74
C THR A 318 14.78 5.52 -13.41
N SER A 319 15.61 5.94 -14.36
CA SER A 319 15.41 7.20 -15.06
C SER A 319 15.83 7.03 -16.51
N PRO A 320 15.30 7.88 -17.40
CA PRO A 320 15.70 7.74 -18.81
C PRO A 320 17.19 7.98 -19.07
N LEU A 321 17.81 7.03 -19.76
CA LEU A 321 19.19 7.12 -20.18
C LEU A 321 19.25 7.42 -21.68
N CYS A 322 19.68 8.62 -22.04
CA CYS A 322 19.68 9.01 -23.45
C CYS A 322 21.05 9.41 -23.94
N THR A 323 21.25 9.36 -25.26
CA THR A 323 22.48 9.92 -25.83
C THR A 323 22.30 11.43 -25.84
N THR A 324 23.40 12.16 -26.02
CA THR A 324 23.36 13.59 -25.86
C THR A 324 23.97 14.31 -27.05
N ASN A 325 23.68 13.81 -28.25
CA ASN A 325 24.12 14.44 -29.49
C ASN A 325 23.54 15.83 -29.66
N THR A 326 24.16 16.61 -30.55
CA THR A 326 23.83 18.02 -30.72
C THR A 326 22.54 18.25 -31.53
N LYS A 327 22.44 17.65 -32.71
CA LYS A 327 21.23 17.77 -33.53
C LYS A 327 20.04 17.10 -32.82
N GLU A 328 18.99 17.87 -32.57
CA GLU A 328 17.84 17.39 -31.81
C GLU A 328 17.06 16.30 -32.54
N GLY A 329 16.51 15.36 -31.77
CA GLY A 329 15.76 14.25 -32.34
C GLY A 329 16.63 13.23 -33.03
N SER A 330 17.95 13.36 -32.87
CA SER A 330 18.86 12.37 -33.42
C SER A 330 19.37 11.52 -32.28
N ASN A 331 18.76 11.68 -31.12
CA ASN A 331 19.12 10.95 -29.91
C ASN A 331 18.24 9.76 -29.65
N ILE A 332 18.81 8.74 -29.00
CA ILE A 332 18.08 7.53 -28.65
C ILE A 332 18.07 7.32 -27.12
N CYS A 333 16.98 6.81 -26.59
CA CYS A 333 16.82 6.73 -25.15
C CYS A 333 16.40 5.34 -24.71
N LEU A 334 16.64 5.04 -23.44
CA LEU A 334 16.43 3.73 -22.92
C LEU A 334 16.19 3.81 -21.41
N THR A 335 15.10 3.24 -20.94
CA THR A 335 14.76 3.25 -19.51
C THR A 335 14.49 1.86 -18.99
N ARG A 336 15.11 1.50 -17.86
CA ARG A 336 14.74 0.25 -17.18
C ARG A 336 13.31 0.35 -16.65
N THR A 337 12.48 -0.62 -17.00
CA THR A 337 11.07 -0.51 -16.68
C THR A 337 10.66 -1.26 -15.43
N ASP A 338 11.64 -1.89 -14.78
CA ASP A 338 11.35 -2.76 -13.63
C ASP A 338 11.55 -2.04 -12.29
N ARG A 339 11.16 -0.77 -12.25
CA ARG A 339 11.26 -0.02 -11.01
C ARG A 339 10.11 -0.36 -10.08
N GLY A 340 10.37 -0.28 -8.78
CA GLY A 340 9.38 -0.67 -7.79
C GLY A 340 10.03 -1.26 -6.57
N TRP A 341 9.22 -1.88 -5.71
CA TRP A 341 9.73 -2.54 -4.53
C TRP A 341 10.02 -4.00 -4.82
N TYR A 342 11.10 -4.50 -4.22
CA TYR A 342 11.49 -5.88 -4.33
C TYR A 342 11.68 -6.47 -2.95
N CYS A 343 11.03 -7.60 -2.67
CA CYS A 343 11.22 -8.22 -1.36
C CYS A 343 11.44 -9.71 -1.47
N ASP A 344 12.46 -10.20 -0.77
CA ASP A 344 12.70 -11.65 -0.69
C ASP A 344 11.51 -12.35 -0.04
N ASN A 345 11.02 -13.39 -0.69
CA ASN A 345 9.84 -14.05 -0.18
C ASN A 345 9.83 -15.49 -0.66
N ALA A 346 10.01 -16.42 0.28
CA ALA A 346 9.82 -17.85 0.06
C ALA A 346 10.62 -18.40 -1.12
N GLY A 347 11.86 -17.97 -1.27
CA GLY A 347 12.72 -18.49 -2.32
C GLY A 347 12.68 -17.66 -3.58
N SER A 348 11.71 -16.76 -3.66
CA SER A 348 11.59 -15.90 -4.82
C SER A 348 11.71 -14.46 -4.41
N VAL A 349 11.44 -13.55 -5.35
CA VAL A 349 11.34 -12.16 -5.04
C VAL A 349 9.94 -11.69 -5.39
N SER A 350 9.26 -11.09 -4.43
CA SER A 350 8.02 -10.40 -4.70
C SER A 350 8.31 -9.02 -5.25
N PHE A 351 7.74 -8.72 -6.43
CA PHE A 351 7.99 -7.44 -7.07
C PHE A 351 6.71 -6.61 -7.15
N PHE A 352 6.79 -5.38 -6.66
CA PHE A 352 5.67 -4.45 -6.63
C PHE A 352 5.91 -3.27 -7.57
N PRO A 353 5.41 -3.37 -8.82
CA PRO A 353 5.68 -2.39 -9.88
C PRO A 353 5.13 -0.99 -9.58
N GLN A 354 4.04 -0.90 -8.82
CA GLN A 354 3.50 0.40 -8.41
C GLN A 354 3.94 0.75 -6.99
N ALA A 355 5.11 1.38 -6.84
CA ALA A 355 5.71 1.61 -5.52
C ALA A 355 4.89 2.54 -4.60
N GLU A 356 3.57 2.59 -4.82
CA GLU A 356 2.64 3.39 -4.03
C GLU A 356 1.64 2.48 -3.36
N THR A 357 1.68 1.20 -3.71
CA THR A 357 0.91 0.19 -3.01
C THR A 357 1.66 -0.20 -1.76
N CYS A 358 2.89 0.30 -1.65
CA CYS A 358 3.74 0.01 -0.50
C CYS A 358 3.89 1.26 0.36
N LYS A 359 3.80 1.08 1.68
CA LYS A 359 3.95 2.17 2.63
C LYS A 359 5.16 1.91 3.51
N VAL A 360 6.13 2.81 3.48
CA VAL A 360 7.32 2.69 4.31
C VAL A 360 7.15 3.37 5.67
N GLN A 361 7.42 2.63 6.75
CA GLN A 361 7.49 3.16 8.11
C GLN A 361 8.90 2.96 8.66
N SER A 362 9.66 4.05 8.71
CA SER A 362 11.09 4.03 9.07
C SER A 362 11.87 3.15 8.09
N ASN A 363 12.28 1.95 8.51
CA ASN A 363 12.97 1.06 7.58
C ASN A 363 12.15 -0.20 7.30
N ARG A 364 10.88 -0.17 7.70
CA ARG A 364 9.94 -1.27 7.46
C ARG A 364 9.03 -0.97 6.27
N VAL A 365 8.82 -1.97 5.40
CA VAL A 365 8.04 -1.75 4.21
C VAL A 365 6.80 -2.60 4.20
N PHE A 366 5.65 -1.95 4.31
CA PHE A 366 4.37 -2.65 4.28
C PHE A 366 3.82 -2.74 2.87
N CYS A 367 3.79 -3.95 2.34
CA CYS A 367 3.27 -4.19 1.01
C CYS A 367 2.10 -5.16 1.07
N ASP A 368 1.44 -5.35 -0.08
CA ASP A 368 0.29 -6.24 -0.21
C ASP A 368 0.57 -7.17 -1.37
N THR A 369 0.60 -8.49 -1.15
CA THR A 369 1.07 -9.39 -2.22
C THR A 369 0.12 -9.44 -3.40
N MET A 370 -1.08 -8.89 -3.26
CA MET A 370 -2.02 -8.86 -4.37
C MET A 370 -1.52 -7.92 -5.46
N ASN A 371 -0.71 -6.95 -5.08
CA ASN A 371 -0.15 -6.02 -6.05
C ASN A 371 1.28 -6.39 -6.46
N SER A 372 1.59 -7.68 -6.50
CA SER A 372 2.94 -8.11 -6.80
C SER A 372 3.03 -9.18 -7.87
N LEU A 373 4.22 -9.31 -8.44
CA LEU A 373 4.57 -10.45 -9.27
C LEU A 373 5.59 -11.28 -8.50
N THR A 374 5.57 -12.59 -8.72
CA THR A 374 6.57 -13.46 -8.13
C THR A 374 7.64 -13.72 -9.17
N LEU A 375 8.84 -13.19 -8.94
CA LEU A 375 9.94 -13.38 -9.89
C LEU A 375 11.04 -14.30 -9.33
N PRO A 376 11.88 -14.85 -10.22
CA PRO A 376 13.09 -15.54 -9.74
C PRO A 376 14.02 -14.56 -9.06
N SER A 377 14.77 -14.98 -8.05
CA SER A 377 15.70 -14.08 -7.36
C SER A 377 16.75 -13.51 -8.30
N GLU A 378 17.04 -14.25 -9.37
CA GLU A 378 17.94 -13.79 -10.43
C GLU A 378 17.62 -12.39 -11.00
N VAL A 379 16.43 -11.87 -10.69
CA VAL A 379 16.02 -10.55 -11.17
C VAL A 379 16.94 -9.49 -10.57
N ASN A 380 17.52 -9.79 -9.42
CA ASN A 380 18.43 -8.88 -8.76
C ASN A 380 19.73 -8.67 -9.53
N LEU A 381 20.05 -9.61 -10.42
CA LEU A 381 21.26 -9.55 -11.22
C LEU A 381 21.25 -8.40 -12.23
N CYS A 382 20.08 -7.84 -12.47
CA CYS A 382 19.96 -6.78 -13.45
C CYS A 382 20.58 -5.47 -12.98
N ASN A 383 20.79 -5.34 -11.68
CA ASN A 383 21.37 -4.13 -11.13
C ASN A 383 22.89 -4.15 -11.25
N VAL A 384 23.50 -5.28 -10.95
CA VAL A 384 24.94 -5.44 -11.11
C VAL A 384 25.33 -5.38 -12.58
N ASP A 385 24.79 -6.32 -13.36
CA ASP A 385 25.07 -6.40 -14.80
C ASP A 385 23.80 -6.60 -15.60
N ILE A 386 23.42 -5.59 -16.35
CA ILE A 386 22.17 -5.61 -17.08
C ILE A 386 22.23 -6.55 -18.30
N PHE A 387 23.41 -7.03 -18.64
CA PHE A 387 23.59 -7.92 -19.78
C PHE A 387 23.82 -9.37 -19.35
N ASN A 388 23.47 -9.68 -18.10
CA ASN A 388 23.69 -11.02 -17.55
C ASN A 388 22.84 -12.10 -18.22
N PRO A 389 23.44 -13.27 -18.44
CA PRO A 389 22.76 -14.33 -19.21
C PRO A 389 21.77 -15.17 -18.40
N LYS A 390 21.54 -14.82 -17.13
CA LYS A 390 20.65 -15.60 -16.27
C LYS A 390 19.25 -15.01 -16.23
N TYR A 391 19.12 -13.69 -16.36
CA TYR A 391 17.80 -13.04 -16.37
C TYR A 391 17.71 -11.95 -17.43
N ASP A 392 16.58 -11.88 -18.13
CA ASP A 392 16.41 -10.92 -19.21
C ASP A 392 15.83 -9.59 -18.73
N CYS A 393 16.71 -8.64 -18.49
CA CYS A 393 16.33 -7.37 -17.88
C CYS A 393 15.40 -6.54 -18.76
N LYS A 394 14.32 -6.04 -18.17
CA LYS A 394 13.27 -5.38 -18.94
C LYS A 394 13.54 -3.89 -19.14
N ILE A 395 13.38 -3.43 -20.38
CA ILE A 395 13.56 -2.02 -20.72
C ILE A 395 12.50 -1.53 -21.70
N MET A 396 12.38 -0.22 -21.83
CA MET A 396 11.62 0.40 -22.91
C MET A 396 12.57 1.32 -23.65
N THR A 397 12.25 1.66 -24.90
CA THR A 397 13.09 2.54 -25.68
C THR A 397 12.33 3.73 -26.21
N SER A 398 13.01 4.85 -26.42
CA SER A 398 12.36 5.95 -27.14
C SER A 398 13.34 6.89 -27.81
N LYS A 399 12.80 7.96 -28.38
CA LYS A 399 13.57 9.08 -28.91
C LYS A 399 13.24 10.34 -28.13
N THR A 400 12.52 10.17 -27.03
CA THR A 400 12.04 11.31 -26.26
C THR A 400 13.03 11.68 -25.16
N ASP A 401 13.97 12.56 -25.49
CA ASP A 401 14.92 13.02 -24.49
C ASP A 401 14.39 14.28 -23.80
N VAL A 402 13.58 14.06 -22.77
CA VAL A 402 13.15 15.12 -21.87
C VAL A 402 13.85 14.95 -20.54
N SER A 403 14.06 16.07 -19.85
CA SER A 403 14.74 16.08 -18.56
C SER A 403 13.78 15.81 -17.44
N SER A 404 14.28 15.19 -16.38
CA SER A 404 13.47 14.87 -15.22
C SER A 404 14.40 14.41 -14.14
N SER A 405 13.93 14.48 -12.91
CA SER A 405 14.67 13.91 -11.80
C SER A 405 13.85 12.83 -11.13
N VAL A 406 14.56 11.88 -10.53
CA VAL A 406 13.92 10.90 -9.68
C VAL A 406 14.50 11.00 -8.27
N ILE A 407 13.67 11.35 -7.31
CA ILE A 407 14.13 11.42 -5.92
C ILE A 407 14.17 10.05 -5.28
N THR A 408 15.37 9.59 -4.92
CA THR A 408 15.54 8.27 -4.33
C THR A 408 15.43 8.32 -2.80
N SER A 409 15.74 7.21 -2.13
CA SER A 409 15.71 7.16 -0.67
C SER A 409 16.79 8.04 -0.06
N LEU A 410 17.96 8.04 -0.67
CA LEU A 410 19.13 8.69 -0.10
C LEU A 410 19.75 9.72 -1.03
N GLY A 411 19.13 9.97 -2.19
CA GLY A 411 19.67 10.97 -3.08
C GLY A 411 18.73 11.32 -4.20
N ALA A 412 19.31 11.58 -5.37
CA ALA A 412 18.55 12.06 -6.52
C ALA A 412 19.23 11.62 -7.81
N ILE A 413 18.46 11.01 -8.70
CA ILE A 413 18.95 10.76 -10.05
C ILE A 413 18.49 11.91 -10.90
N VAL A 414 19.38 12.41 -11.75
CA VAL A 414 19.01 13.48 -12.65
C VAL A 414 19.31 13.06 -14.08
N SER A 415 18.30 13.16 -14.93
CA SER A 415 18.46 12.98 -16.37
C SER A 415 18.37 14.34 -17.05
N CYS A 416 19.51 14.97 -17.30
CA CYS A 416 19.54 16.28 -17.96
C CYS A 416 19.79 16.14 -19.46
N TYR A 417 18.88 16.66 -20.27
CA TYR A 417 19.09 16.61 -21.72
C TYR A 417 18.73 17.93 -22.37
N GLY A 418 19.26 18.15 -23.58
CA GLY A 418 18.96 19.35 -24.33
C GLY A 418 19.39 20.60 -23.61
N LYS A 419 18.58 21.64 -23.66
CA LYS A 419 18.96 22.93 -23.09
C LYS A 419 18.53 23.13 -21.64
N THR A 420 18.06 22.07 -21.00
CA THR A 420 17.53 22.19 -19.64
C THR A 420 18.58 22.61 -18.61
N LYS A 421 18.18 23.43 -17.65
CA LYS A 421 19.08 23.78 -16.55
C LYS A 421 18.85 22.83 -15.37
N CYS A 422 19.88 22.08 -15.00
CA CYS A 422 19.76 21.14 -13.88
C CYS A 422 20.84 21.38 -12.83
N THR A 423 20.41 21.60 -11.59
CA THR A 423 21.35 21.91 -10.53
C THR A 423 21.03 21.14 -9.26
N ALA A 424 21.89 21.26 -8.26
CA ALA A 424 21.64 20.75 -6.92
C ALA A 424 22.09 21.83 -5.97
N SER A 425 21.32 22.06 -4.91
CA SER A 425 21.68 23.11 -3.96
C SER A 425 21.75 22.65 -2.52
N ASN A 426 22.61 23.31 -1.75
CA ASN A 426 22.62 23.23 -0.31
C ASN A 426 21.68 24.31 0.24
N LYS A 427 21.05 24.04 1.38
CA LYS A 427 20.00 24.92 1.91
C LYS A 427 20.44 26.37 2.15
N ASN A 428 21.69 26.56 2.55
CA ASN A 428 22.14 27.89 2.91
C ASN A 428 23.21 28.46 1.98
N ARG A 429 23.77 27.59 1.16
CA ARG A 429 24.93 27.99 0.36
C ARG A 429 24.58 28.26 -1.11
N GLY A 430 23.50 27.66 -1.61
CA GLY A 430 23.09 27.83 -2.98
C GLY A 430 23.50 26.68 -3.89
N ILE A 431 23.57 26.94 -5.20
CA ILE A 431 24.00 25.92 -6.16
C ILE A 431 25.40 25.40 -5.84
N ILE A 432 25.56 24.09 -5.77
CA ILE A 432 26.87 23.51 -5.51
C ILE A 432 27.34 22.64 -6.68
N LYS A 433 26.39 22.10 -7.43
CA LYS A 433 26.71 21.31 -8.61
C LYS A 433 25.80 21.67 -9.76
N THR A 434 26.37 21.86 -10.95
CA THR A 434 25.56 21.96 -12.16
C THR A 434 25.73 20.70 -12.98
N PHE A 435 24.63 20.05 -13.31
CA PHE A 435 24.68 18.80 -14.05
C PHE A 435 24.92 19.00 -15.54
N SER A 436 25.64 18.06 -16.14
CA SER A 436 25.86 18.03 -17.58
C SER A 436 24.77 17.21 -18.25
N ASN A 437 24.72 17.29 -19.57
CA ASN A 437 23.84 16.40 -20.33
C ASN A 437 24.25 14.97 -20.08
N GLY A 438 23.28 14.17 -19.71
CA GLY A 438 23.51 12.79 -19.36
C GLY A 438 22.62 12.42 -18.19
N CYS A 439 22.89 11.26 -17.61
CA CYS A 439 22.21 10.84 -16.38
C CYS A 439 23.25 10.81 -15.28
N ASP A 440 22.98 11.53 -14.20
CA ASP A 440 23.90 11.66 -13.09
C ASP A 440 23.15 11.47 -11.78
N TYR A 441 23.88 11.55 -10.68
CA TYR A 441 23.30 11.26 -9.39
C TYR A 441 23.99 12.05 -8.32
N VAL A 442 23.26 12.44 -7.30
CA VAL A 442 23.85 13.14 -6.18
C VAL A 442 23.19 12.62 -4.89
N SER A 443 23.96 12.48 -3.82
CA SER A 443 23.38 11.96 -2.57
C SER A 443 22.81 13.08 -1.72
N ASN A 444 22.05 12.71 -0.68
CA ASN A 444 21.40 13.69 0.15
C ASN A 444 22.32 14.26 1.21
N LYS A 445 23.61 13.95 1.12
CA LYS A 445 24.56 14.47 2.10
C LYS A 445 25.14 15.78 1.56
N GLY A 446 24.79 16.88 2.22
CA GLY A 446 25.17 18.19 1.74
C GLY A 446 24.18 18.79 0.75
N VAL A 447 23.23 17.98 0.27
CA VAL A 447 22.26 18.45 -0.71
C VAL A 447 20.84 18.46 -0.13
N ASP A 448 20.12 19.54 -0.34
CA ASP A 448 18.76 19.68 0.20
C ASP A 448 17.71 19.71 -0.91
N THR A 449 18.06 20.30 -2.05
CA THR A 449 17.17 20.40 -3.20
C THR A 449 17.87 20.08 -4.52
N VAL A 450 17.08 19.67 -5.50
CA VAL A 450 17.55 19.50 -6.87
C VAL A 450 16.60 20.25 -7.81
N SER A 451 17.15 20.90 -8.84
CA SER A 451 16.32 21.62 -9.80
C SER A 451 16.50 21.06 -11.19
N VAL A 452 15.39 20.71 -11.84
CA VAL A 452 15.42 20.34 -13.25
C VAL A 452 14.43 21.20 -13.99
N GLY A 453 14.95 22.09 -14.83
CA GLY A 453 14.12 23.05 -15.51
C GLY A 453 13.40 23.96 -14.51
N ASN A 454 12.08 24.07 -14.66
CA ASN A 454 11.29 24.84 -13.72
C ASN A 454 10.73 24.00 -12.57
N THR A 455 11.29 22.82 -12.35
CA THR A 455 10.77 21.95 -11.31
C THR A 455 11.73 21.83 -10.14
N LEU A 456 11.29 22.28 -8.95
CA LEU A 456 12.07 22.14 -7.73
C LEU A 456 11.72 20.84 -7.02
N TYR A 457 12.73 20.04 -6.71
CA TYR A 457 12.59 18.81 -5.92
C TYR A 457 13.33 18.91 -4.59
N TYR A 458 12.66 18.67 -3.48
CA TYR A 458 13.36 18.49 -2.22
C TYR A 458 13.76 17.02 -2.10
N VAL A 459 14.98 16.76 -1.63
CA VAL A 459 15.43 15.37 -1.43
C VAL A 459 15.14 14.85 -0.02
N ASN A 460 14.93 13.55 0.10
CA ASN A 460 14.74 12.96 1.43
C ASN A 460 16.00 13.12 2.27
N LYS A 461 15.84 13.57 3.49
CA LYS A 461 17.02 13.86 4.29
C LYS A 461 17.17 12.86 5.41
N GLN A 462 17.24 11.60 5.03
CA GLN A 462 17.39 10.54 5.98
C GLN A 462 18.83 10.06 5.98
N GLU A 463 19.30 9.57 7.12
CA GLU A 463 20.68 9.11 7.23
C GLU A 463 20.91 7.79 6.49
N GLY A 464 22.02 7.72 5.77
CA GLY A 464 22.36 6.53 5.03
C GLY A 464 23.51 6.80 4.10
N LYS A 465 24.22 5.74 3.72
CA LYS A 465 25.39 5.86 2.86
C LYS A 465 25.04 5.60 1.40
N SER A 466 25.59 6.39 0.50
CA SER A 466 25.36 6.19 -0.92
C SER A 466 26.64 5.81 -1.60
N LEU A 467 26.53 4.91 -2.58
CA LEU A 467 27.70 4.54 -3.34
C LEU A 467 27.41 4.84 -4.81
N TYR A 468 28.36 5.50 -5.45
CA TYR A 468 28.25 5.82 -6.86
C TYR A 468 29.09 4.78 -7.61
N VAL A 469 28.43 4.02 -8.48
CA VAL A 469 29.15 3.00 -9.23
C VAL A 469 29.41 3.47 -10.66
N LYS A 470 30.64 3.93 -10.89
CA LYS A 470 31.03 4.44 -12.20
C LYS A 470 30.92 3.34 -13.24
N GLY A 471 30.56 3.73 -14.46
CA GLY A 471 30.39 2.77 -15.54
C GLY A 471 29.93 3.44 -16.81
N GLU A 472 30.36 2.90 -17.94
CA GLU A 472 29.94 3.38 -19.25
C GLU A 472 28.43 3.20 -19.47
N PRO A 473 27.72 4.30 -19.76
CA PRO A 473 26.28 4.32 -20.04
C PRO A 473 25.91 3.47 -21.25
N ILE A 474 25.08 2.45 -21.07
CA ILE A 474 24.96 1.40 -22.07
C ILE A 474 24.35 1.87 -23.39
N ILE A 475 23.64 2.99 -23.38
CA ILE A 475 23.04 3.51 -24.61
C ILE A 475 24.11 3.86 -25.65
N ASN A 476 25.35 4.03 -25.20
CA ASN A 476 26.44 4.29 -26.13
C ASN A 476 26.83 3.05 -26.94
N PHE A 477 26.34 1.90 -26.53
CA PHE A 477 26.68 0.66 -27.21
C PHE A 477 25.82 0.39 -28.45
N TYR A 478 24.81 1.22 -28.68
CA TYR A 478 23.87 0.99 -29.77
C TYR A 478 24.07 1.94 -30.93
N ASP A 479 23.96 1.39 -32.15
CA ASP A 479 23.96 2.20 -33.37
C ASP A 479 22.55 2.77 -33.58
N PRO A 480 22.44 4.11 -33.58
CA PRO A 480 21.14 4.78 -33.72
C PRO A 480 20.41 4.42 -35.01
N LEU A 481 21.14 4.01 -36.04
CA LEU A 481 20.52 3.71 -37.32
C LEU A 481 19.67 2.44 -37.32
N VAL A 482 19.95 1.53 -36.39
CA VAL A 482 19.22 0.27 -36.32
C VAL A 482 18.61 0.03 -34.93
N PHE A 483 18.28 1.12 -34.25
CA PHE A 483 17.74 1.08 -32.89
C PHE A 483 16.21 1.13 -32.89
N PRO A 484 15.57 0.14 -32.24
CA PRO A 484 14.11 0.09 -32.16
C PRO A 484 13.58 1.10 -31.14
N SER A 485 12.75 2.05 -31.55
CA SER A 485 12.51 3.21 -30.70
C SER A 485 11.06 3.46 -30.28
N ASP A 486 10.23 2.43 -30.20
CA ASP A 486 8.93 2.63 -29.57
C ASP A 486 8.59 1.40 -28.74
N GLU A 487 9.61 0.61 -28.46
CA GLU A 487 9.45 -0.58 -27.65
C GLU A 487 9.07 -0.17 -26.24
N PHE A 488 8.01 -0.75 -25.69
CA PHE A 488 7.68 -0.49 -24.31
C PHE A 488 7.76 -1.74 -23.43
N ASP A 489 7.09 -2.80 -23.84
CA ASP A 489 7.15 -4.03 -23.08
C ASP A 489 8.35 -4.86 -23.53
N ALA A 490 9.51 -4.23 -23.64
CA ALA A 490 10.69 -4.87 -24.22
C ALA A 490 11.67 -5.37 -23.18
N SER A 491 12.81 -5.85 -23.65
CA SER A 491 13.91 -6.31 -22.82
C SER A 491 15.21 -6.28 -23.61
N ILE A 492 16.33 -6.48 -22.92
CA ILE A 492 17.64 -6.53 -23.58
C ILE A 492 17.70 -7.53 -24.74
N SER A 493 17.12 -8.70 -24.56
CA SER A 493 17.20 -9.71 -25.61
C SER A 493 16.26 -9.40 -26.77
N GLN A 494 15.08 -8.87 -26.47
CA GLN A 494 14.15 -8.49 -27.51
C GLN A 494 14.72 -7.35 -28.37
N VAL A 495 15.41 -6.42 -27.73
CA VAL A 495 16.01 -5.32 -28.48
C VAL A 495 17.15 -5.87 -29.33
N ASN A 496 17.92 -6.79 -28.76
CA ASN A 496 19.03 -7.41 -29.46
C ASN A 496 18.59 -8.21 -30.66
N GLU A 497 17.40 -8.81 -30.56
CA GLU A 497 16.86 -9.61 -31.65
C GLU A 497 16.37 -8.71 -32.79
N LYS A 498 15.61 -7.67 -32.44
CA LYS A 498 15.17 -6.67 -33.41
C LYS A 498 16.36 -6.06 -34.15
N ILE A 499 17.42 -5.76 -33.42
CA ILE A 499 18.64 -5.21 -34.02
C ILE A 499 19.27 -6.23 -34.97
N ASN A 500 19.57 -7.42 -34.45
CA ASN A 500 20.17 -8.49 -35.24
C ASN A 500 19.39 -8.76 -36.52
N GLN A 501 18.07 -8.61 -36.43
CA GLN A 501 17.19 -8.81 -37.57
C GLN A 501 17.38 -7.71 -38.62
N SER A 502 17.16 -6.46 -38.23
CA SER A 502 17.26 -5.34 -39.16
C SER A 502 18.71 -5.11 -39.66
N LEU A 503 19.67 -5.67 -38.94
CA LEU A 503 21.08 -5.55 -39.33
C LEU A 503 21.42 -6.61 -40.38
N ALA A 504 20.78 -7.77 -40.29
CA ALA A 504 21.01 -8.86 -41.23
C ALA A 504 20.50 -8.49 -42.62
N PHE A 505 19.39 -7.75 -42.67
CA PHE A 505 18.83 -7.29 -43.94
C PHE A 505 19.85 -6.42 -44.66
N ILE A 506 20.63 -5.67 -43.88
CA ILE A 506 21.71 -4.85 -44.42
C ILE A 506 22.94 -5.71 -44.75
C3' NHE B . 25.44 -3.86 -26.12
C2' NHE B . 25.54 -3.83 -27.63
C1' NHE B . 24.66 -4.86 -28.31
C6' NHE B . 24.80 -6.23 -27.67
N NHE B . 25.05 -4.98 -29.68
C1 NHE B . 25.14 -3.72 -30.33
C2 NHE B . 24.23 -3.77 -31.62
S NHE B . 24.46 -2.25 -32.58
O1 NHE B . 24.62 -2.55 -34.03
O2 NHE B . 23.30 -1.30 -32.35
O3 NHE B . 25.77 -1.60 -32.26
C5' NHE B . 24.75 -6.24 -26.17
C4' NHE B . 25.72 -5.23 -25.57
S SO4 C . 27.34 10.04 1.29
O1 SO4 C . 26.13 10.26 2.08
O2 SO4 C . 27.91 11.30 0.83
O3 SO4 C . 27.02 9.22 0.12
O4 SO4 C . 28.31 9.32 2.13
S SO4 D . -15.74 8.50 5.28
O1 SO4 D . -16.33 7.18 5.42
O2 SO4 D . -16.79 9.50 5.06
O3 SO4 D . -14.82 8.51 4.16
O4 SO4 D . -15.02 8.83 6.50
S SO4 E . 8.59 -2.12 14.05
O1 SO4 E . 7.48 -2.56 14.89
O2 SO4 E . 8.11 -1.09 13.12
O3 SO4 E . 9.64 -1.57 14.88
O4 SO4 E . 9.12 -3.24 13.29
S SO4 F . 23.15 17.72 5.81
O1 SO4 F . 22.17 17.48 6.86
O2 SO4 F . 22.64 18.76 4.91
O3 SO4 F . 24.40 18.18 6.41
O4 SO4 F . 23.40 16.48 5.07
C10 5NP G . 3.36 2.29 -24.13
C13 5NP G . 1.81 -0.78 -23.75
C15 5NP G . 2.58 2.82 -21.48
C17 5NP G . -0.57 3.37 -23.43
C20 5NP G . 3.83 3.54 -21.01
C21 5NP G . -1.07 -1.46 -20.92
C22 5NP G . -1.59 4.17 -24.21
C24 5NP G . -1.74 3.92 -25.70
C26 5NP G . 3.96 3.77 -19.52
C28 5NP G . 6.23 4.83 -19.93
CL1 5NP G . -2.90 4.81 -26.64
O02 5NP G . 2.30 -1.80 -24.21
O03 5NP G . 1.70 2.63 -20.65
N04 5NP G . 2.16 0.59 -24.14
N05 5NP G . 2.43 2.27 -22.80
N06 5NP G . -1.37 -0.05 -20.65
N07 5NP G . 5.16 4.42 -19.01
C08 5NP G . 1.37 1.53 -23.29
C09 5NP G . 2.95 1.02 -24.86
C11 5NP G . 0.42 0.68 -22.43
C12 5NP G . 0.29 2.31 -24.11
C14 5NP G . 0.72 -0.71 -22.68
C16 5NP G . -0.65 1.02 -21.36
C18 5NP G . 0.12 2.11 -25.62
C19 5NP G . -0.01 -1.80 -21.96
C23 5NP G . -0.89 2.89 -26.41
C25 5NP G . 4.91 3.93 -21.94
C27 5NP G . 6.12 4.59 -21.42
#